data_3BHD
#
_entry.id   3BHD
#
_cell.length_a   60.770
_cell.length_b   46.810
_cell.length_c   71.870
_cell.angle_alpha   90.00
_cell.angle_beta   113.97
_cell.angle_gamma   90.00
#
_symmetry.space_group_name_H-M   'P 1 21 1'
#
loop_
_entity.id
_entity.type
_entity.pdbx_description
1 polymer 'Thiamine triphosphatase'
2 non-polymer 'SULFATE ION'
3 non-polymer 'CHLORIDE ION'
4 non-polymer 'CITRIC ACID'
5 non-polymer 'SODIUM ION'
6 non-polymer GLYCEROL
7 water water
#
_entity_poly.entity_id   1
_entity_poly.type   'polypeptide(L)'
_entity_poly.pdbx_seq_one_letter_code
;(MSE)GSSHHHHHHSSGLVPRGS(MSE)AQGLIEVERKFLPGPGTEERLQELGGTLEYRVTFRDTYYDTPELSL(MSE)Q
ADHWLRRREDSGWELKCPGAAGVLGPHTEYKELTAEPTIVAQLCKVLRADGLGAGDVAAVLGPLGLQEVASFVTKRSAWK
LVLLGADEEEPQLRVDLDTADFGYAVGEVEALVHEEAEVPTALEKIHRLSS(MSE)LGVPAQETAPAKLIVYLQRFRPQD
YQRLLEVNSS
;
_entity_poly.pdbx_strand_id   A,B
#
loop_
_chem_comp.id
_chem_comp.type
_chem_comp.name
_chem_comp.formula
CIT non-polymer 'CITRIC ACID' 'C6 H8 O7'
CL non-polymer 'CHLORIDE ION' 'Cl -1'
GOL non-polymer GLYCEROL 'C3 H8 O3'
NA non-polymer 'SODIUM ION' 'Na 1'
SO4 non-polymer 'SULFATE ION' 'O4 S -2'
#
# COMPACT_ATOMS: atom_id res chain seq x y z
N MSE A 20 -9.45 28.44 16.61
CA MSE A 20 -9.60 27.52 15.45
C MSE A 20 -9.21 28.15 14.11
O MSE A 20 -9.92 28.04 13.11
CB MSE A 20 -11.04 27.04 15.38
CG MSE A 20 -11.33 25.98 16.38
SE MSE A 20 -12.60 24.80 15.54
CE MSE A 20 -11.43 23.95 14.21
N ALA A 21 -8.03 28.76 14.13
CA ALA A 21 -7.62 29.77 13.14
C ALA A 21 -7.43 29.28 11.71
N GLN A 22 -7.29 27.97 11.53
CA GLN A 22 -6.82 27.47 10.24
C GLN A 22 -7.91 27.37 9.15
N GLY A 23 -8.99 26.67 9.47
CA GLY A 23 -10.12 26.50 8.55
C GLY A 23 -10.29 25.07 8.10
N LEU A 24 -11.55 24.69 7.86
CA LEU A 24 -11.98 23.33 7.60
C LEU A 24 -12.04 23.12 6.11
N ILE A 25 -12.04 24.21 5.34
CA ILE A 25 -12.25 24.09 3.88
C ILE A 25 -10.95 24.23 3.10
N GLU A 26 -10.64 23.18 2.37
CA GLU A 26 -9.45 23.13 1.51
C GLU A 26 -9.87 23.58 0.12
N VAL A 27 -9.20 24.62 -0.39
CA VAL A 27 -9.38 25.02 -1.78
C VAL A 27 -8.07 24.69 -2.45
N GLU A 28 -8.09 24.04 -3.60
CA GLU A 28 -6.82 23.53 -4.10
C GLU A 28 -6.75 23.47 -5.60
N ARG A 29 -5.52 23.37 -6.07
CA ARG A 29 -5.23 23.16 -7.46
C ARG A 29 -4.03 22.21 -7.53
N LYS A 30 -4.23 21.02 -8.08
CA LYS A 30 -3.12 20.08 -8.22
C LYS A 30 -2.36 20.39 -9.49
N PHE A 31 -1.10 20.05 -9.47
CA PHE A 31 -0.26 20.29 -10.64
C PHE A 31 0.91 19.32 -10.65
N LEU A 32 1.63 19.31 -11.75
CA LEU A 32 2.76 18.44 -11.92
C LEU A 32 4.01 19.29 -11.79
N PRO A 33 4.83 18.99 -10.78
CA PRO A 33 5.99 19.84 -10.55
C PRO A 33 7.09 19.69 -11.59
N GLY A 34 7.85 20.75 -11.72
CA GLY A 34 8.99 20.79 -12.61
C GLY A 34 10.21 21.22 -11.83
N PRO A 35 11.38 21.26 -12.51
CA PRO A 35 12.65 21.57 -11.88
C PRO A 35 12.69 22.94 -11.19
N GLY A 36 11.97 23.92 -11.74
CA GLY A 36 12.01 25.29 -11.21
C GLY A 36 10.94 25.66 -10.20
N THR A 37 10.07 24.72 -9.85
CA THR A 37 8.94 25.00 -8.93
C THR A 37 9.40 25.55 -7.57
N GLU A 38 10.32 24.85 -6.90
CA GLU A 38 10.76 25.28 -5.58
C GLU A 38 11.55 26.55 -5.63
N GLU A 39 12.35 26.75 -6.67
CA GLU A 39 13.10 27.99 -6.75
C GLU A 39 12.17 29.18 -6.90
N ARG A 40 11.10 29.03 -7.68
CA ARG A 40 10.20 30.18 -7.85
C ARG A 40 9.46 30.42 -6.54
N LEU A 41 9.12 29.35 -5.84
CA LEU A 41 8.49 29.49 -4.51
C LEU A 41 9.40 30.29 -3.59
N GLN A 42 10.68 29.95 -3.60
CA GLN A 42 11.65 30.63 -2.76
C GLN A 42 11.77 32.09 -3.10
N GLU A 43 11.78 32.37 -4.39
CA GLU A 43 11.96 33.75 -4.86
C GLU A 43 10.76 34.61 -4.52
N LEU A 44 9.61 34.00 -4.31
CA LEU A 44 8.43 34.69 -3.82
C LEU A 44 8.41 34.88 -2.29
N GLY A 45 9.39 34.32 -1.60
CA GLY A 45 9.42 34.42 -0.14
C GLY A 45 8.88 33.19 0.55
N GLY A 46 8.54 32.18 -0.24
CA GLY A 46 8.06 30.92 0.32
C GLY A 46 9.17 30.22 1.11
N THR A 47 8.78 29.49 2.15
CA THR A 47 9.75 28.70 2.91
C THR A 47 9.36 27.25 3.02
N LEU A 48 10.38 26.40 3.09
CA LEU A 48 10.18 24.97 3.27
C LEU A 48 9.93 24.73 4.73
N GLU A 49 8.66 24.52 5.07
CA GLU A 49 8.27 24.45 6.46
C GLU A 49 8.71 23.12 7.08
N TYR A 50 8.53 22.01 6.36
CA TYR A 50 9.08 20.73 6.79
C TYR A 50 9.06 19.75 5.64
N ARG A 51 9.81 18.66 5.81
CA ARG A 51 9.73 17.48 4.97
C ARG A 51 9.25 16.35 5.84
N VAL A 52 8.18 15.68 5.43
CA VAL A 52 7.58 14.65 6.26
C VAL A 52 7.26 13.44 5.39
N THR A 53 7.12 12.30 6.05
N THR A 53 7.27 12.25 5.98
CA THR A 53 6.72 11.05 5.42
CA THR A 53 6.61 11.12 5.31
C THR A 53 5.50 10.49 6.15
C THR A 53 5.39 10.73 6.11
N PHE A 54 4.43 10.20 5.41
CA PHE A 54 3.18 9.75 6.04
C PHE A 54 2.56 8.59 5.26
N ARG A 55 1.94 7.67 6.01
CA ARG A 55 1.27 6.50 5.47
C ARG A 55 -0.22 6.72 5.60
N ASP A 56 -0.92 6.61 4.47
CA ASP A 56 -2.39 6.72 4.44
C ASP A 56 -2.99 5.43 3.99
N THR A 57 -4.09 5.04 4.60
CA THR A 57 -4.86 3.87 4.16
C THR A 57 -6.24 4.39 3.82
N TYR A 58 -6.70 4.13 2.58
CA TYR A 58 -7.98 4.65 2.10
C TYR A 58 -9.01 3.54 2.07
N TYR A 59 -10.27 3.92 2.31
CA TYR A 59 -11.36 2.98 2.41
C TYR A 59 -12.47 3.39 1.48
N ASP A 60 -13.15 2.39 0.89
CA ASP A 60 -14.32 2.64 0.03
C ASP A 60 -15.10 1.36 -0.04
N THR A 61 -16.31 1.41 -0.61
CA THR A 61 -17.08 0.18 -0.91
C THR A 61 -16.45 -0.50 -2.13
N PRO A 62 -16.78 -1.77 -2.39
CA PRO A 62 -16.19 -2.43 -3.57
C PRO A 62 -16.51 -1.73 -4.88
N GLU A 63 -17.61 -0.97 -4.90
CA GLU A 63 -18.07 -0.20 -6.07
C GLU A 63 -17.41 1.19 -6.12
N LEU A 64 -16.56 1.54 -5.16
CA LEU A 64 -15.96 2.86 -5.11
C LEU A 64 -17.07 3.93 -5.01
N SER A 65 -18.06 3.66 -4.16
CA SER A 65 -19.16 4.64 -3.99
C SER A 65 -18.71 5.99 -3.47
N LEU A 66 -17.74 5.98 -2.57
CA LEU A 66 -17.24 7.26 -2.04
C LEU A 66 -16.53 8.02 -3.15
N MSE A 67 -15.64 7.35 -3.86
CA MSE A 67 -14.90 8.01 -4.93
C MSE A 67 -15.83 8.57 -6.01
O MSE A 67 -15.61 9.68 -6.50
CB MSE A 67 -13.87 7.05 -5.52
CG MSE A 67 -12.53 7.70 -5.69
SE MSE A 67 -11.16 6.34 -6.08
CE MSE A 67 -11.29 5.23 -4.46
N GLN A 68 -16.89 7.82 -6.33
CA GLN A 68 -17.92 8.31 -7.27
C GLN A 68 -18.55 9.62 -6.80
N ALA A 69 -18.76 9.73 -5.49
CA ALA A 69 -19.31 10.96 -4.88
C ALA A 69 -18.23 11.98 -4.52
N ASP A 70 -17.00 11.83 -5.01
CA ASP A 70 -15.91 12.76 -4.70
C ASP A 70 -15.72 12.88 -3.19
N HIS A 71 -15.86 11.74 -2.52
CA HIS A 71 -15.53 11.60 -1.09
C HIS A 71 -14.29 10.75 -0.94
N TRP A 72 -13.45 11.10 0.02
CA TRP A 72 -12.13 10.43 0.20
C TRP A 72 -11.98 10.18 1.70
N LEU A 73 -11.90 8.90 2.07
CA LEU A 73 -11.81 8.47 3.46
C LEU A 73 -10.47 7.79 3.72
N ARG A 74 -9.69 8.35 4.63
CA ARG A 74 -8.39 7.75 4.90
C ARG A 74 -8.04 7.81 6.38
N ARG A 75 -7.27 6.82 6.82
N ARG A 75 -7.30 6.80 6.83
CA ARG A 75 -6.68 6.84 8.15
CA ARG A 75 -6.66 6.82 8.13
C ARG A 75 -5.17 6.98 8.02
C ARG A 75 -5.21 7.11 7.83
N ARG A 76 -4.65 8.08 8.55
CA ARG A 76 -3.23 8.40 8.47
C ARG A 76 -2.53 7.85 9.72
N GLU A 77 -1.49 7.03 9.54
CA GLU A 77 -0.75 6.43 10.65
C GLU A 77 -0.28 7.54 11.59
N ASP A 78 -0.48 7.29 12.90
CA ASP A 78 -0.05 8.21 13.96
C ASP A 78 -0.74 9.57 13.86
N SER A 79 -1.84 9.66 13.14
CA SER A 79 -2.55 10.92 12.98
C SER A 79 -4.06 10.76 13.17
N GLY A 80 -4.68 9.88 12.39
CA GLY A 80 -6.07 9.60 12.62
C GLY A 80 -6.88 9.65 11.32
N TRP A 81 -8.20 9.67 11.46
CA TRP A 81 -9.12 9.63 10.33
C TRP A 81 -9.42 11.01 9.73
N GLU A 82 -9.61 11.04 8.43
CA GLU A 82 -10.16 12.21 7.80
C GLU A 82 -11.04 11.80 6.63
N LEU A 83 -12.16 12.50 6.50
CA LEU A 83 -13.02 12.37 5.33
C LEU A 83 -13.04 13.72 4.64
N LYS A 84 -12.59 13.74 3.40
CA LYS A 84 -12.79 14.93 2.55
C LYS A 84 -14.08 14.77 1.79
N CYS A 85 -14.92 15.79 1.83
N CYS A 85 -14.94 15.80 1.93
CA CYS A 85 -16.10 15.71 0.99
CA CYS A 85 -16.25 15.89 1.28
C CYS A 85 -16.33 17.06 0.37
C CYS A 85 -16.26 17.11 0.36
N PRO A 86 -16.95 17.05 -0.81
CA PRO A 86 -17.02 18.28 -1.60
C PRO A 86 -17.75 19.38 -0.85
N GLY A 87 -17.19 20.59 -0.86
CA GLY A 87 -17.84 21.73 -0.25
C GLY A 87 -18.85 22.38 -1.17
N ALA A 88 -18.72 22.13 -2.47
CA ALA A 88 -19.56 22.82 -3.45
C ALA A 88 -19.87 21.90 -4.62
N ALA A 89 -20.32 20.68 -4.27
CA ALA A 89 -20.67 19.69 -5.28
C ALA A 89 -21.67 20.25 -6.28
N GLY A 90 -21.34 20.12 -7.57
CA GLY A 90 -22.19 20.64 -8.64
C GLY A 90 -21.96 22.11 -8.95
N VAL A 91 -21.15 22.79 -8.17
CA VAL A 91 -20.88 24.20 -8.43
C VAL A 91 -19.40 24.35 -8.80
N LEU A 92 -18.53 23.71 -8.03
CA LEU A 92 -17.11 23.59 -8.32
C LEU A 92 -16.79 22.17 -8.73
N GLY A 93 -15.91 22.03 -9.72
CA GLY A 93 -15.47 20.70 -10.17
C GLY A 93 -14.74 19.91 -9.09
N PRO A 94 -14.64 18.59 -9.28
CA PRO A 94 -13.87 17.78 -8.32
C PRO A 94 -12.42 18.25 -8.20
N HIS A 95 -11.76 17.85 -7.12
CA HIS A 95 -10.36 18.15 -6.88
C HIS A 95 -10.13 19.65 -6.78
N THR A 96 -11.14 20.37 -6.30
CA THR A 96 -11.03 21.84 -6.18
C THR A 96 -11.35 22.34 -4.76
N GLU A 97 -12.37 21.81 -4.13
CA GLU A 97 -12.77 22.26 -2.80
C GLU A 97 -13.31 21.10 -1.97
N TYR A 98 -12.78 20.97 -0.78
CA TYR A 98 -13.21 19.92 0.17
C TYR A 98 -13.32 20.45 1.56
N LYS A 99 -14.42 20.08 2.22
CA LYS A 99 -14.52 20.18 3.67
C LYS A 99 -13.71 19.02 4.24
N GLU A 100 -12.82 19.33 5.17
CA GLU A 100 -12.00 18.31 5.83
C GLU A 100 -12.61 17.94 7.17
N LEU A 101 -13.23 16.77 7.21
CA LEU A 101 -13.91 16.32 8.44
C LEU A 101 -12.95 15.44 9.23
N THR A 102 -12.67 15.82 10.48
CA THR A 102 -11.74 15.06 11.32
C THR A 102 -12.35 14.60 12.64
N ALA A 103 -13.48 15.19 13.04
CA ALA A 103 -14.20 14.77 14.25
C ALA A 103 -14.93 13.48 13.88
N GLU A 104 -14.60 12.41 14.57
CA GLU A 104 -15.11 11.14 14.11
C GLU A 104 -16.66 11.05 14.01
N PRO A 105 -17.41 11.63 14.97
CA PRO A 105 -18.86 11.62 14.77
C PRO A 105 -19.36 12.29 13.46
N THR A 106 -18.70 13.36 13.03
N THR A 106 -18.67 13.34 13.03
CA THR A 106 -19.07 13.98 11.75
CA THR A 106 -19.00 14.03 11.79
C THR A 106 -18.73 13.09 10.57
C THR A 106 -18.66 13.19 10.55
N ILE A 107 -17.59 12.40 10.66
CA ILE A 107 -17.21 11.49 9.59
C ILE A 107 -18.26 10.38 9.49
N VAL A 108 -18.62 9.81 10.62
CA VAL A 108 -19.63 8.75 10.61
C VAL A 108 -20.94 9.28 10.01
N ALA A 109 -21.39 10.48 10.41
CA ALA A 109 -22.65 11.03 9.91
C ALA A 109 -22.62 11.23 8.41
N GLN A 110 -21.50 11.77 7.92
CA GLN A 110 -21.37 12.00 6.47
C GLN A 110 -21.26 10.72 5.64
N LEU A 111 -20.57 9.71 6.16
CA LEU A 111 -20.51 8.40 5.50
C LEU A 111 -21.89 7.78 5.41
N CYS A 112 -22.65 7.86 6.50
CA CYS A 112 -24.03 7.33 6.54
C CYS A 112 -24.87 8.08 5.51
N LYS A 113 -24.69 9.39 5.43
CA LYS A 113 -25.43 10.18 4.47
C LYS A 113 -25.13 9.77 3.01
N VAL A 114 -23.86 9.76 2.63
N VAL A 114 -23.86 9.75 2.66
CA VAL A 114 -23.49 9.46 1.24
CA VAL A 114 -23.48 9.52 1.26
C VAL A 114 -23.87 8.05 0.85
C VAL A 114 -23.71 8.06 0.82
N LEU A 115 -23.65 7.11 1.76
CA LEU A 115 -23.92 5.70 1.49
C LEU A 115 -25.36 5.29 1.81
N ARG A 116 -26.17 6.23 2.26
CA ARG A 116 -27.57 5.98 2.67
C ARG A 116 -27.74 4.85 3.69
N ALA A 117 -27.06 4.95 4.84
CA ALA A 117 -27.32 4.07 5.99
C ALA A 117 -27.84 4.88 7.17
N GLY A 121 -25.09 3.01 15.00
CA GLY A 121 -24.68 3.33 16.36
C GLY A 121 -23.18 3.39 16.54
N ALA A 122 -22.46 3.64 15.47
CA ALA A 122 -21.03 3.84 15.55
C ALA A 122 -20.72 5.23 16.11
N GLY A 123 -19.90 5.30 17.16
CA GLY A 123 -19.40 6.61 17.64
C GLY A 123 -18.06 7.00 17.03
N ASP A 124 -17.39 5.98 16.50
CA ASP A 124 -16.10 6.14 15.86
C ASP A 124 -16.03 5.45 14.50
N VAL A 125 -15.06 5.86 13.70
CA VAL A 125 -15.02 5.42 12.31
C VAL A 125 -14.74 3.91 12.19
N ALA A 126 -13.83 3.39 13.01
CA ALA A 126 -13.51 1.96 12.94
C ALA A 126 -14.77 1.10 13.07
N ALA A 127 -15.66 1.49 13.97
CA ALA A 127 -16.93 0.80 14.22
C ALA A 127 -17.91 0.80 13.03
N VAL A 128 -17.76 1.73 12.09
CA VAL A 128 -18.76 1.92 11.04
C VAL A 128 -18.32 1.18 9.77
N LEU A 129 -17.05 0.76 9.72
CA LEU A 129 -16.54 0.23 8.46
C LEU A 129 -17.31 -1.02 8.03
N GLY A 130 -17.43 -1.96 8.96
CA GLY A 130 -18.19 -3.20 8.74
C GLY A 130 -19.61 -2.93 8.26
N PRO A 131 -20.43 -2.26 9.10
CA PRO A 131 -21.82 -1.95 8.79
C PRO A 131 -22.02 -1.26 7.44
N LEU A 132 -21.08 -0.42 7.04
CA LEU A 132 -21.19 0.30 5.78
C LEU A 132 -20.58 -0.40 4.57
N GLY A 133 -19.95 -1.55 4.77
CA GLY A 133 -19.34 -2.27 3.66
C GLY A 133 -18.10 -1.60 3.12
N LEU A 134 -17.43 -0.83 3.98
CA LEU A 134 -16.19 -0.14 3.58
C LEU A 134 -15.01 -1.05 3.75
N GLN A 135 -14.17 -1.10 2.75
CA GLN A 135 -12.99 -1.98 2.78
C GLN A 135 -11.76 -1.17 2.37
N GLU A 136 -10.59 -1.62 2.80
CA GLU A 136 -9.34 -0.97 2.40
C GLU A 136 -9.21 -1.04 0.89
N VAL A 137 -8.96 0.10 0.24
CA VAL A 137 -8.74 0.10 -1.20
C VAL A 137 -7.30 0.52 -1.62
N ALA A 138 -6.56 1.07 -0.67
CA ALA A 138 -5.17 1.42 -0.89
C ALA A 138 -4.46 1.68 0.41
N SER A 139 -3.17 1.44 0.43
CA SER A 139 -2.34 1.91 1.55
C SER A 139 -0.97 2.25 0.99
N PHE A 140 -0.51 3.49 1.25
CA PHE A 140 0.80 3.87 0.68
C PHE A 140 1.44 5.03 1.44
N VAL A 141 2.74 5.20 1.26
CA VAL A 141 3.51 6.22 1.96
C VAL A 141 3.86 7.34 0.96
N THR A 142 3.76 8.59 1.43
CA THR A 142 4.11 9.77 0.64
C THR A 142 5.18 10.51 1.33
N LYS A 143 6.16 10.99 0.58
CA LYS A 143 7.15 11.99 1.05
C LYS A 143 6.72 13.35 0.54
N ARG A 144 6.55 14.26 1.47
CA ARG A 144 6.03 15.61 1.20
C ARG A 144 7.05 16.69 1.61
N SER A 145 7.23 17.69 0.76
CA SER A 145 7.90 18.95 1.15
C SER A 145 6.77 19.95 1.22
N ALA A 146 6.50 20.43 2.43
CA ALA A 146 5.45 21.40 2.67
C ALA A 146 6.01 22.81 2.69
N TRP A 147 5.65 23.61 1.71
CA TRP A 147 6.09 25.00 1.64
C TRP A 147 4.91 25.88 2.01
N LYS A 148 5.18 27.01 2.66
CA LYS A 148 4.14 27.98 2.84
C LYS A 148 4.59 29.32 2.32
N LEU A 149 3.64 30.03 1.74
CA LEU A 149 3.88 31.34 1.22
C LEU A 149 3.00 32.25 2.02
N VAL A 150 3.64 33.12 2.78
CA VAL A 150 2.92 34.21 3.37
C VAL A 150 2.90 35.32 2.32
N LEU A 151 1.70 35.78 2.02
CA LEU A 151 1.51 36.68 0.89
C LEU A 151 1.43 38.10 1.41
N LEU A 152 2.10 39.00 0.70
CA LEU A 152 2.07 40.42 1.01
C LEU A 152 2.57 40.69 2.42
N GLY A 153 3.51 39.88 2.89
CA GLY A 153 4.03 39.98 4.26
C GLY A 153 2.93 39.84 5.30
N ALA A 154 1.89 39.11 4.94
CA ALA A 154 0.69 38.84 5.75
C ALA A 154 -0.38 39.96 5.69
N ASP A 155 -0.15 40.94 4.82
CA ASP A 155 -0.97 42.16 4.84
C ASP A 155 -2.16 42.03 3.87
N GLU A 156 -3.01 41.05 4.14
CA GLU A 156 -4.25 40.79 3.37
C GLU A 156 -5.03 39.68 4.06
N GLU A 157 -6.28 39.47 3.61
CA GLU A 157 -7.13 38.37 4.11
C GLU A 157 -6.54 37.01 3.69
N GLU A 158 -6.55 36.06 4.63
CA GLU A 158 -6.03 34.71 4.41
C GLU A 158 -4.74 34.74 3.60
N PRO A 159 -3.66 35.32 4.16
CA PRO A 159 -2.46 35.65 3.39
C PRO A 159 -1.39 34.55 3.41
N GLN A 160 -1.81 33.31 3.68
CA GLN A 160 -0.95 32.13 3.55
C GLN A 160 -1.54 31.05 2.64
N LEU A 161 -0.76 30.70 1.64
CA LEU A 161 -1.07 29.61 0.72
C LEU A 161 -0.05 28.52 0.98
N ARG A 162 -0.45 27.26 0.88
CA ARG A 162 0.48 26.18 1.07
C ARG A 162 0.75 25.59 -0.29
N VAL A 163 1.98 25.11 -0.50
CA VAL A 163 2.30 24.33 -1.68
C VAL A 163 2.94 23.04 -1.19
N ASP A 164 2.23 21.93 -1.36
CA ASP A 164 2.79 20.61 -1.04
C ASP A 164 3.40 19.99 -2.29
N LEU A 165 4.64 19.52 -2.20
CA LEU A 165 5.27 18.78 -3.27
C LEU A 165 5.46 17.34 -2.79
N ASP A 166 4.64 16.45 -3.35
CA ASP A 166 4.50 15.07 -2.86
C ASP A 166 5.16 14.12 -3.82
N THR A 167 5.84 13.14 -3.25
CA THR A 167 6.23 11.99 -4.03
C THR A 167 5.73 10.72 -3.36
N ALA A 168 4.82 10.03 -4.04
CA ALA A 168 4.30 8.77 -3.52
C ALA A 168 5.37 7.70 -3.64
N ASP A 169 5.25 6.65 -2.82
CA ASP A 169 6.26 5.60 -2.85
C ASP A 169 6.27 4.78 -4.15
N PHE A 170 5.23 4.93 -4.98
CA PHE A 170 5.19 4.29 -6.28
C PHE A 170 5.79 5.16 -7.40
N GLY A 171 6.32 6.33 -7.04
CA GLY A 171 7.14 7.16 -7.97
C GLY A 171 6.43 8.40 -8.48
N TYR A 172 5.12 8.44 -8.28
CA TYR A 172 4.30 9.56 -8.76
C TYR A 172 4.58 10.86 -7.99
N ALA A 173 4.85 11.93 -8.73
CA ALA A 173 5.13 13.23 -8.13
C ALA A 173 3.99 14.17 -8.44
N VAL A 174 3.42 14.77 -7.40
CA VAL A 174 2.30 15.70 -7.61
C VAL A 174 2.45 16.89 -6.70
N GLY A 175 2.09 18.07 -7.20
CA GLY A 175 2.05 19.28 -6.38
C GLY A 175 0.62 19.71 -6.08
N GLU A 176 0.43 20.45 -5.00
CA GLU A 176 -0.85 21.04 -4.70
C GLU A 176 -0.67 22.44 -4.16
N VAL A 177 -1.33 23.42 -4.77
CA VAL A 177 -1.41 24.77 -4.24
C VAL A 177 -2.73 24.80 -3.45
N GLU A 178 -2.64 25.18 -2.19
CA GLU A 178 -3.76 25.02 -1.29
C GLU A 178 -4.00 26.23 -0.43
N ALA A 179 -5.26 26.63 -0.35
CA ALA A 179 -5.73 27.62 0.62
C ALA A 179 -6.67 26.97 1.60
N LEU A 180 -6.44 27.14 2.90
CA LEU A 180 -7.36 26.61 3.89
C LEU A 180 -8.17 27.78 4.41
N VAL A 181 -9.48 27.72 4.25
CA VAL A 181 -10.33 28.84 4.64
C VAL A 181 -11.43 28.31 5.54
N HIS A 182 -12.27 29.21 6.02
CA HIS A 182 -13.25 28.86 7.04
C HIS A 182 -14.68 28.74 6.53
N GLU A 183 -15.06 29.58 5.57
CA GLU A 183 -16.44 29.65 5.12
C GLU A 183 -16.48 29.54 3.62
N GLU A 184 -17.59 29.00 3.09
CA GLU A 184 -17.79 28.92 1.64
C GLU A 184 -17.61 30.30 0.98
N ALA A 185 -18.07 31.36 1.66
CA ALA A 185 -17.95 32.68 1.08
C ALA A 185 -16.50 33.13 0.78
N GLU A 186 -15.52 32.46 1.40
CA GLU A 186 -14.11 32.79 1.16
C GLU A 186 -13.55 32.05 -0.05
N VAL A 187 -14.32 31.10 -0.57
CA VAL A 187 -13.78 30.22 -1.59
C VAL A 187 -13.51 30.95 -2.93
N PRO A 188 -14.43 31.82 -3.40
CA PRO A 188 -14.09 32.52 -4.67
C PRO A 188 -12.74 33.25 -4.67
N THR A 189 -12.45 33.95 -3.58
CA THR A 189 -11.20 34.72 -3.49
C THR A 189 -10.01 33.79 -3.36
N ALA A 190 -10.21 32.69 -2.61
CA ALA A 190 -9.18 31.69 -2.47
C ALA A 190 -8.85 31.09 -3.81
N LEU A 191 -9.88 30.77 -4.59
CA LEU A 191 -9.66 30.23 -5.92
C LEU A 191 -8.83 31.16 -6.80
N GLU A 192 -9.18 32.44 -6.78
CA GLU A 192 -8.48 33.43 -7.57
C GLU A 192 -6.97 33.49 -7.19
N LYS A 193 -6.69 33.50 -5.89
N LYS A 193 -6.70 33.51 -5.88
CA LYS A 193 -5.31 33.56 -5.42
CA LYS A 193 -5.33 33.54 -5.39
C LYS A 193 -4.52 32.30 -5.75
C LYS A 193 -4.55 32.32 -5.83
N ILE A 194 -5.17 31.14 -5.66
CA ILE A 194 -4.52 29.89 -6.00
C ILE A 194 -4.19 29.86 -7.49
N HIS A 195 -5.11 30.41 -8.30
CA HIS A 195 -4.88 30.40 -9.75
C HIS A 195 -3.71 31.31 -10.10
N ARG A 196 -3.65 32.46 -9.47
CA ARG A 196 -2.57 33.44 -9.71
C ARG A 196 -1.21 32.93 -9.25
N LEU A 197 -1.16 32.24 -8.12
CA LEU A 197 0.09 31.64 -7.65
C LEU A 197 0.45 30.53 -8.60
N SER A 198 -0.54 29.70 -8.97
CA SER A 198 -0.27 28.61 -9.93
C SER A 198 0.40 29.12 -11.20
N SER A 199 -0.09 30.23 -11.75
N SER A 199 -0.09 30.23 -11.75
CA SER A 199 0.47 30.77 -12.99
CA SER A 199 0.47 30.80 -12.98
C SER A 199 1.92 31.22 -12.79
C SER A 199 1.93 31.18 -12.76
N MSE A 200 2.21 31.78 -11.62
CA MSE A 200 3.56 32.23 -11.28
C MSE A 200 4.55 31.10 -11.05
O MSE A 200 5.75 31.30 -11.18
CB MSE A 200 3.58 33.18 -10.10
CG MSE A 200 3.26 34.61 -10.50
SE MSE A 200 3.72 35.84 -9.06
CE MSE A 200 2.24 35.26 -7.97
N LEU A 201 4.04 29.91 -10.71
CA LEU A 201 4.88 28.75 -10.56
C LEU A 201 5.11 28.05 -11.89
N GLY A 202 4.36 28.46 -12.91
CA GLY A 202 4.54 27.99 -14.30
C GLY A 202 3.57 26.89 -14.67
N VAL A 203 2.49 26.75 -13.91
CA VAL A 203 1.50 25.73 -14.21
C VAL A 203 0.58 26.19 -15.33
N PRO A 204 0.53 25.42 -16.43
CA PRO A 204 -0.38 25.74 -17.52
C PRO A 204 -1.83 25.77 -17.07
N ALA A 205 -2.59 26.73 -17.58
CA ALA A 205 -3.97 26.91 -17.19
C ALA A 205 -4.77 25.62 -17.34
N GLN A 206 -4.50 24.88 -18.41
CA GLN A 206 -5.29 23.71 -18.76
C GLN A 206 -4.79 22.42 -18.14
N GLU A 207 -3.62 22.47 -17.49
CA GLU A 207 -3.05 21.28 -16.86
C GLU A 207 -3.88 20.72 -15.71
N THR A 208 -4.00 19.41 -15.73
CA THR A 208 -4.64 18.69 -14.63
C THR A 208 -3.61 17.67 -14.10
N ALA A 209 -3.80 17.19 -12.87
CA ALA A 209 -2.90 16.17 -12.31
C ALA A 209 -3.75 15.26 -11.42
N PRO A 210 -3.65 13.92 -11.57
CA PRO A 210 -4.51 13.06 -10.80
C PRO A 210 -4.10 12.96 -9.34
N ALA A 211 -5.07 12.74 -8.47
CA ALA A 211 -4.79 12.50 -7.08
C ALA A 211 -3.90 11.24 -6.92
N LYS A 212 -3.09 11.23 -5.87
CA LYS A 212 -2.23 10.06 -5.64
C LYS A 212 -3.03 8.76 -5.59
N LEU A 213 -4.17 8.76 -4.91
CA LEU A 213 -4.96 7.54 -4.81
C LEU A 213 -5.38 7.05 -6.19
N ILE A 214 -5.77 7.96 -7.09
CA ILE A 214 -6.14 7.55 -8.45
C ILE A 214 -4.92 6.88 -9.15
N VAL A 215 -3.73 7.43 -8.98
CA VAL A 215 -2.58 6.80 -9.64
C VAL A 215 -2.28 5.44 -8.98
N TYR A 216 -2.46 5.33 -7.66
CA TYR A 216 -2.30 4.04 -7.01
C TYR A 216 -3.24 3.03 -7.69
N LEU A 217 -4.49 3.38 -7.90
CA LEU A 217 -5.41 2.45 -8.55
C LEU A 217 -4.95 2.13 -9.97
N GLN A 218 -4.53 3.14 -10.72
CA GLN A 218 -3.98 2.87 -12.05
C GLN A 218 -2.89 1.84 -12.02
N ARG A 219 -1.99 1.94 -11.06
N ARG A 219 -2.01 1.90 -11.03
CA ARG A 219 -0.86 1.05 -10.97
CA ARG A 219 -0.86 1.04 -11.01
C ARG A 219 -1.26 -0.33 -10.50
C ARG A 219 -1.05 -0.31 -10.35
N PHE A 220 -1.93 -0.37 -9.35
CA PHE A 220 -2.07 -1.60 -8.56
C PHE A 220 -3.44 -2.23 -8.57
N ARG A 221 -4.44 -1.46 -9.00
CA ARG A 221 -5.79 -1.97 -9.13
C ARG A 221 -6.38 -1.50 -10.45
N PRO A 222 -5.70 -1.83 -11.55
CA PRO A 222 -6.11 -1.24 -12.86
C PRO A 222 -7.53 -1.52 -13.28
N GLN A 223 -8.09 -2.66 -12.89
CA GLN A 223 -9.49 -2.97 -13.22
C GLN A 223 -10.46 -2.08 -12.44
N ASP A 224 -10.14 -1.77 -11.17
CA ASP A 224 -10.94 -0.81 -10.40
C ASP A 224 -10.87 0.59 -11.01
N TYR A 225 -9.68 0.98 -11.49
CA TYR A 225 -9.56 2.29 -12.11
C TYR A 225 -10.42 2.35 -13.39
N GLN A 226 -10.41 1.29 -14.18
CA GLN A 226 -11.25 1.26 -15.38
C GLN A 226 -12.75 1.29 -15.04
N ARG A 227 -13.15 0.51 -14.04
CA ARG A 227 -14.52 0.51 -13.61
C ARG A 227 -14.94 1.89 -13.14
N LEU A 228 -14.02 2.60 -12.48
CA LEU A 228 -14.31 3.94 -11.98
C LEU A 228 -14.57 4.89 -13.17
N LEU A 229 -13.72 4.83 -14.17
CA LEU A 229 -13.88 5.70 -15.33
C LEU A 229 -15.23 5.48 -16.00
N GLU A 230 -15.65 4.22 -16.05
CA GLU A 230 -16.87 3.84 -16.77
C GLU A 230 -18.09 4.36 -16.03
N VAL A 231 -18.12 4.16 -14.71
CA VAL A 231 -19.27 4.58 -13.93
C VAL A 231 -19.34 6.11 -13.79
N ASN A 232 -18.19 6.77 -13.67
CA ASN A 232 -18.18 8.25 -13.58
C ASN A 232 -18.70 8.93 -14.84
N SER A 233 -18.70 8.19 -15.95
CA SER A 233 -19.26 8.68 -17.22
C SER A 233 -20.69 8.20 -17.46
N GLN B 22 6.01 -23.49 -11.78
CA GLN B 22 4.81 -23.23 -10.92
C GLN B 22 4.52 -24.43 -10.02
N GLY B 23 4.16 -24.17 -8.76
CA GLY B 23 3.74 -25.22 -7.85
C GLY B 23 4.79 -26.25 -7.43
N LEU B 24 6.05 -26.09 -7.86
CA LEU B 24 7.21 -26.73 -7.19
C LEU B 24 7.01 -26.42 -5.71
N ILE B 25 7.65 -27.20 -4.85
CA ILE B 25 7.55 -26.95 -3.42
C ILE B 25 8.66 -26.01 -2.94
N GLU B 26 8.30 -24.92 -2.29
CA GLU B 26 9.26 -23.98 -1.68
C GLU B 26 9.40 -24.36 -0.22
N VAL B 27 10.61 -24.68 0.20
CA VAL B 27 10.89 -24.98 1.56
C VAL B 27 11.68 -23.78 2.06
N GLU B 28 11.29 -23.23 3.18
CA GLU B 28 11.76 -21.88 3.58
C GLU B 28 12.24 -21.87 5.03
N ARG B 29 13.25 -21.04 5.30
CA ARG B 29 13.71 -20.78 6.66
C ARG B 29 13.92 -19.27 6.75
N LYS B 30 13.16 -18.64 7.62
CA LYS B 30 13.30 -17.21 7.86
C LYS B 30 14.44 -17.00 8.83
N PHE B 31 15.11 -15.86 8.73
CA PHE B 31 16.17 -15.53 9.71
C PHE B 31 16.32 -14.04 9.80
N LEU B 32 17.07 -13.55 10.80
N LEU B 32 17.09 -13.58 10.78
CA LEU B 32 17.26 -12.11 11.00
CA LEU B 32 17.32 -12.16 11.00
C LEU B 32 18.59 -11.69 10.38
C LEU B 32 18.62 -11.75 10.33
N PRO B 33 18.54 -10.84 9.34
CA PRO B 33 19.79 -10.42 8.70
C PRO B 33 20.51 -9.40 9.58
N GLY B 34 21.82 -9.30 9.38
CA GLY B 34 22.61 -8.25 10.00
C GLY B 34 23.52 -7.61 8.97
N PRO B 35 24.29 -6.60 9.42
CA PRO B 35 25.11 -5.85 8.46
C PRO B 35 26.14 -6.72 7.74
N GLY B 36 26.52 -7.86 8.33
CA GLY B 36 27.51 -8.75 7.68
C GLY B 36 26.90 -9.89 6.84
N THR B 37 25.58 -9.98 6.81
CA THR B 37 24.89 -11.13 6.10
C THR B 37 25.30 -11.25 4.62
N GLU B 38 25.27 -10.13 3.89
CA GLU B 38 25.66 -10.17 2.45
C GLU B 38 27.10 -10.62 2.26
N GLU B 39 28.00 -10.09 3.09
N GLU B 39 28.01 -10.08 3.07
CA GLU B 39 29.38 -10.48 3.00
CA GLU B 39 29.40 -10.51 3.02
C GLU B 39 29.57 -11.97 3.32
C GLU B 39 29.49 -12.01 3.26
N ARG B 40 28.83 -12.49 4.30
CA ARG B 40 28.95 -13.94 4.60
C ARG B 40 28.39 -14.78 3.45
N LEU B 41 27.29 -14.31 2.87
CA LEU B 41 26.73 -15.02 1.70
C LEU B 41 27.74 -15.07 0.54
N GLN B 42 28.38 -13.95 0.28
CA GLN B 42 29.37 -13.88 -0.76
C GLN B 42 30.55 -14.81 -0.46
N GLU B 43 30.98 -14.83 0.81
CA GLU B 43 32.08 -15.73 1.21
C GLU B 43 31.76 -17.20 1.03
N LEU B 44 30.48 -17.58 1.11
CA LEU B 44 30.03 -18.95 0.81
C LEU B 44 29.87 -19.25 -0.66
N GLY B 45 30.09 -18.26 -1.51
CA GLY B 45 29.96 -18.43 -2.96
C GLY B 45 28.67 -17.89 -3.52
N GLY B 46 27.86 -17.21 -2.69
CA GLY B 46 26.61 -16.60 -3.17
C GLY B 46 26.83 -15.43 -4.12
N THR B 47 25.87 -15.21 -5.02
CA THR B 47 25.99 -14.10 -6.00
C THR B 47 24.69 -13.34 -6.04
N LEU B 48 24.80 -12.04 -6.28
CA LEU B 48 23.63 -11.19 -6.37
C LEU B 48 22.86 -11.52 -7.65
N GLU B 49 21.56 -11.70 -7.52
CA GLU B 49 20.72 -11.82 -8.72
C GLU B 49 20.20 -10.43 -9.08
N TYR B 50 19.64 -9.71 -8.12
CA TYR B 50 19.10 -8.34 -8.37
C TYR B 50 18.66 -7.71 -7.05
N ARG B 51 18.55 -6.38 -7.09
CA ARG B 51 17.87 -5.62 -6.00
C ARG B 51 16.65 -4.98 -6.61
N VAL B 52 15.56 -4.93 -5.85
CA VAL B 52 14.31 -4.41 -6.39
C VAL B 52 13.49 -3.88 -5.22
N THR B 53 12.75 -2.81 -5.50
CA THR B 53 11.79 -2.26 -4.57
C THR B 53 10.42 -2.50 -5.21
N PHE B 54 9.51 -3.12 -4.44
CA PHE B 54 8.22 -3.57 -5.02
C PHE B 54 7.11 -3.56 -3.99
N ARG B 55 5.92 -3.28 -4.47
CA ARG B 55 4.73 -3.41 -3.62
C ARG B 55 4.13 -4.78 -3.67
N ASP B 56 3.70 -5.26 -2.49
CA ASP B 56 2.83 -6.43 -2.40
C ASP B 56 1.49 -6.01 -1.86
N THR B 57 0.42 -6.50 -2.50
CA THR B 57 -0.90 -6.25 -1.99
C THR B 57 -1.56 -7.55 -1.74
N TYR B 58 -2.00 -7.74 -0.49
CA TYR B 58 -2.67 -9.00 -0.07
C TYR B 58 -4.15 -8.91 -0.08
N TYR B 59 -4.79 -9.98 -0.54
CA TYR B 59 -6.26 -10.03 -0.68
C TYR B 59 -6.82 -11.20 0.10
N ASP B 60 -7.94 -10.98 0.75
CA ASP B 60 -8.56 -12.06 1.51
C ASP B 60 -9.99 -11.61 1.79
N THR B 61 -10.77 -12.50 2.38
CA THR B 61 -12.08 -12.09 2.84
C THR B 61 -11.91 -11.26 4.11
N PRO B 62 -12.98 -10.57 4.54
CA PRO B 62 -12.84 -9.78 5.77
C PRO B 62 -12.51 -10.58 7.03
N GLU B 63 -12.82 -11.87 7.04
CA GLU B 63 -12.48 -12.79 8.13
C GLU B 63 -11.10 -13.41 7.93
N LEU B 64 -10.39 -13.02 6.88
CA LEU B 64 -9.08 -13.64 6.58
C LEU B 64 -9.21 -15.16 6.42
N SER B 65 -10.19 -15.58 5.61
CA SER B 65 -10.44 -17.00 5.38
C SER B 65 -9.24 -17.72 4.77
N LEU B 66 -8.57 -17.07 3.83
CA LEU B 66 -7.43 -17.75 3.21
C LEU B 66 -6.31 -17.93 4.23
N MSE B 67 -5.95 -16.86 4.92
N MSE B 67 -5.99 -16.83 4.91
CA MSE B 67 -4.85 -16.93 5.87
CA MSE B 67 -4.92 -16.78 5.88
C MSE B 67 -5.15 -17.88 7.04
C MSE B 67 -5.14 -17.77 7.05
O MSE B 67 -4.26 -18.60 7.50
O MSE B 67 -4.21 -18.43 7.52
CB MSE B 67 -4.49 -15.54 6.37
CB MSE B 67 -4.73 -15.33 6.35
CG MSE B 67 -4.00 -14.65 5.24
CG MSE B 67 -4.32 -14.38 5.17
SE MSE B 67 -3.50 -12.89 5.93
SE MSE B 67 -3.93 -12.49 5.63
CE MSE B 67 -3.49 -11.97 4.16
CE MSE B 67 -3.37 -12.84 7.47
N GLN B 68 -6.39 -17.91 7.48
CA GLN B 68 -6.77 -18.95 8.44
C GLN B 68 -6.46 -20.36 7.92
N ALA B 69 -6.58 -20.56 6.61
CA ALA B 69 -6.32 -21.84 5.98
C ALA B 69 -4.85 -21.95 5.51
N ASP B 70 -3.99 -21.04 6.02
CA ASP B 70 -2.56 -20.98 5.64
C ASP B 70 -2.41 -20.88 4.14
N HIS B 71 -3.34 -20.18 3.51
CA HIS B 71 -3.16 -19.81 2.10
C HIS B 71 -3.00 -18.29 2.05
N TRP B 72 -2.28 -17.81 1.03
CA TRP B 72 -1.84 -16.44 0.99
C TRP B 72 -1.91 -15.91 -0.44
N LEU B 73 -2.76 -14.92 -0.66
CA LEU B 73 -3.06 -14.37 -2.03
C LEU B 73 -2.53 -12.95 -2.09
N ARG B 74 -1.64 -12.71 -3.05
CA ARG B 74 -1.14 -11.33 -3.25
C ARG B 74 -0.95 -11.02 -4.73
N ARG B 75 -0.99 -9.73 -5.04
CA ARG B 75 -0.56 -9.23 -6.34
C ARG B 75 0.72 -8.50 -6.06
N ARG B 76 1.79 -9.00 -6.66
CA ARG B 76 3.12 -8.50 -6.41
C ARG B 76 3.58 -7.68 -7.60
N GLU B 77 3.98 -6.43 -7.31
CA GLU B 77 4.43 -5.54 -8.36
C GLU B 77 5.64 -6.18 -9.04
N ASP B 78 5.65 -6.14 -10.36
CA ASP B 78 6.75 -6.71 -11.23
C ASP B 78 6.68 -8.23 -11.38
N SER B 79 5.71 -8.87 -10.73
CA SER B 79 5.55 -10.31 -10.83
C SER B 79 4.15 -10.68 -11.31
N GLY B 80 3.12 -10.21 -10.60
CA GLY B 80 1.75 -10.57 -10.88
C GLY B 80 1.12 -11.26 -9.67
N TRP B 81 0.02 -11.98 -9.92
CA TRP B 81 -0.73 -12.64 -8.85
C TRP B 81 0.02 -13.90 -8.44
N GLU B 82 0.02 -14.13 -7.14
CA GLU B 82 0.67 -15.30 -6.54
C GLU B 82 -0.21 -15.84 -5.41
N LEU B 83 -0.35 -17.16 -5.34
CA LEU B 83 -1.14 -17.81 -4.29
C LEU B 83 -0.24 -18.90 -3.68
N LYS B 84 0.17 -18.70 -2.43
CA LYS B 84 0.91 -19.71 -1.72
C LYS B 84 -0.05 -20.65 -1.02
N CYS B 85 0.07 -21.93 -1.36
CA CYS B 85 -0.74 -23.02 -0.79
C CYS B 85 0.16 -23.85 0.13
N PRO B 86 -0.32 -24.24 1.30
CA PRO B 86 0.57 -24.92 2.27
C PRO B 86 0.97 -26.32 1.84
N GLY B 87 2.23 -26.64 2.03
CA GLY B 87 2.74 -27.98 1.84
C GLY B 87 2.66 -28.81 3.10
N ALA B 88 3.17 -30.03 3.04
CA ALA B 88 3.02 -30.97 4.15
C ALA B 88 3.58 -30.47 5.48
N ALA B 89 4.72 -29.81 5.42
CA ALA B 89 5.34 -29.37 6.67
C ALA B 89 4.52 -28.30 7.42
N GLY B 90 3.53 -27.69 6.76
CA GLY B 90 2.57 -26.82 7.42
C GLY B 90 1.91 -27.47 8.64
N VAL B 91 1.86 -28.80 8.65
N VAL B 91 1.87 -28.79 8.70
CA VAL B 91 1.34 -29.52 9.81
CA VAL B 91 1.29 -29.45 9.88
C VAL B 91 2.10 -29.15 11.06
C VAL B 91 2.15 -29.28 11.14
N LEU B 92 3.44 -29.01 10.93
CA LEU B 92 4.32 -28.60 12.03
C LEU B 92 4.01 -27.16 12.41
N GLY B 93 3.84 -26.31 11.41
CA GLY B 93 3.59 -24.91 11.65
C GLY B 93 3.67 -24.18 10.33
N PRO B 94 3.08 -22.97 10.27
CA PRO B 94 3.11 -22.19 9.06
C PRO B 94 4.49 -21.54 8.79
N HIS B 95 4.62 -20.93 7.61
CA HIS B 95 5.81 -20.16 7.24
C HIS B 95 7.06 -21.00 7.03
N THR B 96 6.85 -22.24 6.59
N THR B 96 6.87 -22.26 6.61
CA THR B 96 7.96 -23.14 6.29
CA THR B 96 8.05 -23.06 6.24
C THR B 96 7.89 -23.70 4.87
C THR B 96 7.93 -23.86 4.93
N GLU B 97 6.71 -24.08 4.41
CA GLU B 97 6.55 -24.83 3.15
C GLU B 97 5.29 -24.49 2.38
N TYR B 98 5.48 -24.09 1.13
CA TYR B 98 4.36 -23.71 0.27
C TYR B 98 4.59 -24.08 -1.14
N LYS B 99 3.52 -24.38 -1.85
N LYS B 99 3.51 -24.26 -1.87
CA LYS B 99 3.52 -24.35 -3.32
CA LYS B 99 3.56 -24.34 -3.32
C LYS B 99 3.02 -22.98 -3.73
C LYS B 99 2.95 -23.07 -3.86
N GLU B 100 3.71 -22.35 -4.67
CA GLU B 100 3.31 -21.04 -5.14
C GLU B 100 2.78 -21.12 -6.53
N LEU B 101 1.52 -20.81 -6.64
CA LEU B 101 0.84 -20.74 -7.92
C LEU B 101 0.93 -19.36 -8.52
N THR B 102 1.35 -19.29 -9.79
CA THR B 102 1.54 -18.00 -10.48
C THR B 102 0.73 -17.88 -11.77
N ALA B 103 0.18 -19.00 -12.25
CA ALA B 103 -0.63 -18.98 -13.48
C ALA B 103 -2.04 -18.57 -13.06
N GLU B 104 -2.53 -17.47 -13.58
CA GLU B 104 -3.80 -16.97 -13.09
C GLU B 104 -4.97 -17.97 -13.19
N PRO B 105 -5.08 -18.73 -14.30
CA PRO B 105 -6.17 -19.74 -14.37
C PRO B 105 -6.17 -20.69 -13.18
N THR B 106 -4.98 -21.14 -12.83
N THR B 106 -4.99 -21.16 -12.78
CA THR B 106 -4.80 -22.07 -11.75
CA THR B 106 -4.89 -22.12 -11.69
C THR B 106 -5.15 -21.42 -10.43
C THR B 106 -5.05 -21.46 -10.33
N ILE B 107 -4.67 -20.19 -10.23
CA ILE B 107 -4.94 -19.46 -8.98
C ILE B 107 -6.44 -19.36 -8.77
N VAL B 108 -7.17 -19.02 -9.83
CA VAL B 108 -8.62 -18.89 -9.72
C VAL B 108 -9.23 -20.21 -9.27
N ALA B 109 -8.85 -21.32 -9.90
CA ALA B 109 -9.44 -22.60 -9.55
C ALA B 109 -9.11 -22.96 -8.11
N GLN B 110 -7.90 -22.68 -7.65
CA GLN B 110 -7.55 -23.01 -6.28
C GLN B 110 -8.27 -22.14 -5.23
N LEU B 111 -8.44 -20.87 -5.55
CA LEU B 111 -9.24 -19.99 -4.70
C LEU B 111 -10.63 -20.50 -4.52
N CYS B 112 -11.24 -20.97 -5.61
CA CYS B 112 -12.60 -21.44 -5.47
C CYS B 112 -12.67 -22.69 -4.62
N LYS B 113 -11.67 -23.57 -4.72
CA LYS B 113 -11.65 -24.77 -3.92
C LYS B 113 -11.49 -24.39 -2.44
N VAL B 114 -10.50 -23.55 -2.14
CA VAL B 114 -10.25 -23.21 -0.75
C VAL B 114 -11.40 -22.46 -0.08
N LEU B 115 -11.98 -21.53 -0.84
CA LEU B 115 -13.08 -20.74 -0.35
C LEU B 115 -14.42 -21.46 -0.42
N ARG B 116 -14.38 -22.69 -0.91
CA ARG B 116 -15.57 -23.54 -1.09
C ARG B 116 -16.66 -22.82 -1.90
N ALA B 117 -16.26 -22.32 -3.06
CA ALA B 117 -17.14 -21.57 -3.96
C ALA B 117 -17.47 -22.44 -5.18
N ASP B 118 -18.35 -21.95 -6.06
CA ASP B 118 -18.57 -22.62 -7.36
C ASP B 118 -17.22 -22.70 -8.10
N GLY B 119 -17.13 -23.67 -9.00
CA GLY B 119 -15.93 -23.87 -9.78
C GLY B 119 -15.87 -22.85 -10.91
N LEU B 120 -15.52 -21.61 -10.55
CA LEU B 120 -15.46 -20.54 -11.54
C LEU B 120 -14.24 -20.71 -12.41
N GLY B 121 -14.38 -20.29 -13.67
CA GLY B 121 -13.24 -20.22 -14.60
C GLY B 121 -12.95 -18.75 -14.89
N ALA B 122 -11.67 -18.36 -14.88
CA ALA B 122 -11.27 -17.02 -15.33
C ALA B 122 -9.78 -17.04 -15.69
N GLY B 123 -9.37 -16.26 -16.69
CA GLY B 123 -7.95 -16.19 -17.02
C GLY B 123 -7.28 -15.07 -16.25
N ASP B 124 -8.09 -14.30 -15.51
CA ASP B 124 -7.63 -13.16 -14.72
C ASP B 124 -8.19 -13.22 -13.29
N VAL B 125 -7.31 -13.15 -12.29
CA VAL B 125 -7.75 -13.20 -10.89
C VAL B 125 -8.65 -12.03 -10.52
N ALA B 126 -8.37 -10.84 -11.07
CA ALA B 126 -9.19 -9.69 -10.83
C ALA B 126 -10.66 -9.98 -11.14
N ALA B 127 -10.95 -10.87 -12.11
CA ALA B 127 -12.33 -11.19 -12.46
C ALA B 127 -13.13 -11.89 -11.35
N VAL B 128 -12.44 -12.48 -10.36
CA VAL B 128 -13.13 -13.26 -9.35
C VAL B 128 -13.08 -12.69 -7.96
N LEU B 129 -12.39 -11.55 -7.80
CA LEU B 129 -12.28 -10.92 -6.50
C LEU B 129 -13.66 -10.57 -5.95
N GLY B 130 -14.47 -9.91 -6.77
CA GLY B 130 -15.83 -9.55 -6.32
C GLY B 130 -16.67 -10.81 -6.08
N PRO B 131 -16.79 -11.69 -7.09
CA PRO B 131 -17.55 -12.91 -6.84
C PRO B 131 -17.18 -13.72 -5.56
N LEU B 132 -15.89 -13.81 -5.23
CA LEU B 132 -15.44 -14.54 -4.07
C LEU B 132 -15.34 -13.71 -2.79
N GLY B 133 -15.71 -12.42 -2.85
CA GLY B 133 -15.71 -11.61 -1.62
C GLY B 133 -14.33 -11.27 -1.07
N LEU B 134 -13.37 -11.16 -2.00
CA LEU B 134 -12.00 -10.82 -1.64
C LEU B 134 -11.79 -9.33 -1.71
N GLN B 135 -11.04 -8.82 -0.73
CA GLN B 135 -10.67 -7.41 -0.66
C GLN B 135 -9.21 -7.24 -0.28
N GLU B 136 -8.66 -6.06 -0.54
CA GLU B 136 -7.35 -5.74 -0.07
C GLU B 136 -7.34 -5.73 1.45
N VAL B 137 -6.41 -6.46 2.03
CA VAL B 137 -6.24 -6.50 3.49
C VAL B 137 -4.94 -5.94 4.01
N ALA B 138 -3.95 -5.79 3.10
CA ALA B 138 -2.62 -5.23 3.43
C ALA B 138 -1.91 -4.81 2.16
N SER B 139 -1.13 -3.73 2.24
CA SER B 139 -0.33 -3.38 1.08
C SER B 139 0.88 -2.61 1.57
N PHE B 140 2.05 -2.99 1.10
CA PHE B 140 3.25 -2.27 1.52
C PHE B 140 4.38 -2.55 0.54
N VAL B 141 5.43 -1.74 0.67
CA VAL B 141 6.62 -1.83 -0.15
C VAL B 141 7.80 -2.52 0.56
N THR B 142 8.55 -3.31 -0.22
CA THR B 142 9.71 -4.03 0.23
C THR B 142 10.89 -3.68 -0.64
N LYS B 143 12.05 -3.46 -0.02
N LYS B 143 12.03 -3.40 0.01
CA LYS B 143 13.31 -3.36 -0.78
CA LYS B 143 13.31 -3.42 -0.69
C LYS B 143 14.06 -4.65 -0.56
C LYS B 143 13.87 -4.82 -0.51
N ARG B 144 14.19 -5.44 -1.62
CA ARG B 144 14.74 -6.80 -1.58
C ARG B 144 16.06 -6.90 -2.29
N SER B 145 16.97 -7.66 -1.69
N SER B 145 17.01 -7.63 -1.69
CA SER B 145 18.12 -8.15 -2.42
CA SER B 145 18.15 -8.10 -2.46
C SER B 145 17.89 -9.63 -2.59
C SER B 145 18.03 -9.61 -2.59
N ALA B 146 18.00 -10.10 -3.82
CA ALA B 146 17.83 -11.53 -4.11
C ALA B 146 19.16 -12.12 -4.55
N TRP B 147 19.52 -13.22 -3.90
CA TRP B 147 20.81 -13.87 -4.03
C TRP B 147 20.62 -15.32 -4.41
N LYS B 148 21.62 -15.81 -5.12
CA LYS B 148 21.68 -17.19 -5.51
C LYS B 148 22.85 -17.87 -4.80
N LEU B 149 22.64 -19.10 -4.34
CA LEU B 149 23.72 -19.90 -3.74
C LEU B 149 23.58 -21.25 -4.33
N VAL B 150 24.56 -21.61 -5.15
CA VAL B 150 24.41 -22.80 -5.90
C VAL B 150 25.10 -23.86 -5.06
N LEU B 151 24.28 -24.70 -4.43
CA LEU B 151 24.77 -25.80 -3.62
C LEU B 151 24.07 -27.14 -3.88
N LEU B 152 24.73 -27.98 -4.68
CA LEU B 152 24.32 -29.38 -4.80
C LEU B 152 24.34 -29.93 -3.40
N GLY B 153 23.32 -30.67 -3.01
CA GLY B 153 23.35 -31.18 -1.62
C GLY B 153 23.27 -30.13 -0.51
N ALA B 154 22.94 -28.90 -0.90
CA ALA B 154 21.90 -28.23 -0.17
C ALA B 154 20.63 -28.84 -0.80
N ASP B 155 20.65 -28.99 -2.12
CA ASP B 155 19.46 -29.40 -2.89
C ASP B 155 19.89 -29.87 -4.27
N GLU B 156 20.06 -31.18 -4.43
CA GLU B 156 20.66 -31.71 -5.65
C GLU B 156 19.81 -31.47 -6.92
N GLU B 157 18.50 -31.35 -6.77
CA GLU B 157 17.68 -31.28 -7.99
C GLU B 157 17.41 -29.82 -8.41
N GLU B 158 17.48 -28.96 -7.42
CA GLU B 158 17.32 -27.56 -7.64
C GLU B 158 18.39 -26.92 -6.76
N PRO B 159 19.65 -26.96 -7.23
CA PRO B 159 20.79 -26.44 -6.45
C PRO B 159 20.81 -24.92 -6.34
N GLN B 160 20.10 -24.25 -7.21
CA GLN B 160 20.07 -22.79 -7.14
C GLN B 160 19.15 -22.41 -5.98
N LEU B 161 19.71 -22.27 -4.78
CA LEU B 161 18.90 -21.82 -3.64
C LEU B 161 18.71 -20.34 -3.84
N ARG B 162 17.64 -19.81 -3.26
CA ARG B 162 17.45 -18.37 -3.22
C ARG B 162 17.65 -17.90 -1.80
N VAL B 163 18.31 -16.76 -1.61
CA VAL B 163 18.27 -16.06 -0.32
C VAL B 163 17.69 -14.69 -0.63
N ASP B 164 16.60 -14.33 0.04
CA ASP B 164 16.01 -12.99 -0.06
C ASP B 164 16.39 -12.23 1.22
N LEU B 165 16.86 -10.99 1.08
CA LEU B 165 17.09 -10.11 2.20
C LEU B 165 16.14 -8.94 1.97
N ASP B 166 15.11 -8.88 2.82
CA ASP B 166 14.01 -7.90 2.61
C ASP B 166 13.94 -6.87 3.73
N THR B 167 13.68 -5.61 3.37
CA THR B 167 13.37 -4.56 4.32
C THR B 167 12.04 -3.95 3.93
N ALA B 168 11.08 -4.04 4.86
CA ALA B 168 9.75 -3.52 4.59
C ALA B 168 9.76 -2.04 4.92
N ASP B 169 8.78 -1.32 4.37
CA ASP B 169 8.73 0.14 4.52
C ASP B 169 8.23 0.58 5.90
N PHE B 170 7.90 -0.40 6.73
CA PHE B 170 7.54 -0.14 8.13
C PHE B 170 8.70 -0.48 9.12
N GLY B 171 9.90 -0.61 8.59
CA GLY B 171 11.13 -0.74 9.39
C GLY B 171 11.72 -2.13 9.52
N TYR B 172 10.91 -3.15 9.28
CA TYR B 172 11.21 -4.50 9.69
C TYR B 172 12.00 -5.16 8.60
N ALA B 173 13.09 -5.86 8.94
CA ALA B 173 13.92 -6.57 7.96
C ALA B 173 13.94 -8.07 8.30
N VAL B 174 13.78 -8.90 7.29
CA VAL B 174 13.80 -10.37 7.46
C VAL B 174 14.55 -10.95 6.28
N GLY B 175 15.25 -12.06 6.53
CA GLY B 175 15.85 -12.84 5.47
C GLY B 175 15.13 -14.18 5.32
N GLU B 176 15.28 -14.78 4.15
CA GLU B 176 14.71 -16.14 3.93
C GLU B 176 15.66 -16.95 3.08
N VAL B 177 15.98 -18.18 3.48
CA VAL B 177 16.63 -19.14 2.56
C VAL B 177 15.51 -19.99 2.00
N GLU B 178 15.48 -20.13 0.69
CA GLU B 178 14.46 -20.92 0.01
C GLU B 178 15.09 -21.99 -0.85
N ALA B 179 14.68 -23.24 -0.67
CA ALA B 179 15.06 -24.36 -1.57
C ALA B 179 13.83 -24.86 -2.29
N LEU B 180 13.97 -25.23 -3.54
CA LEU B 180 12.87 -25.80 -4.28
C LEU B 180 13.04 -27.31 -4.35
N VAL B 181 11.95 -28.02 -4.10
CA VAL B 181 11.94 -29.49 -4.28
C VAL B 181 10.69 -29.90 -5.02
N HIS B 182 10.61 -31.16 -5.43
CA HIS B 182 9.46 -31.64 -6.19
C HIS B 182 8.46 -32.48 -5.41
N GLU B 183 8.96 -33.21 -4.43
CA GLU B 183 8.09 -34.10 -3.67
C GLU B 183 8.19 -33.93 -2.20
N GLU B 184 7.10 -34.24 -1.51
CA GLU B 184 7.06 -34.05 -0.06
C GLU B 184 8.17 -34.83 0.67
N ALA B 185 8.57 -36.00 0.13
CA ALA B 185 9.57 -36.79 0.81
C ALA B 185 10.96 -36.12 0.80
N GLU B 186 11.16 -35.07 -0.02
CA GLU B 186 12.40 -34.31 -0.04
C GLU B 186 12.40 -33.21 1.00
N VAL B 187 11.24 -32.92 1.62
CA VAL B 187 11.16 -31.75 2.48
C VAL B 187 11.98 -31.84 3.78
N PRO B 188 11.91 -32.96 4.54
CA PRO B 188 12.64 -33.00 5.83
C PRO B 188 14.12 -32.74 5.63
N THR B 189 14.75 -33.30 4.59
CA THR B 189 16.17 -33.08 4.39
C THR B 189 16.44 -31.66 3.87
N ALA B 190 15.60 -31.15 3.00
CA ALA B 190 15.77 -29.80 2.54
C ALA B 190 15.62 -28.81 3.70
N LEU B 191 14.67 -29.07 4.61
CA LEU B 191 14.47 -28.18 5.77
C LEU B 191 15.71 -28.15 6.63
N GLU B 192 16.27 -29.33 6.89
N GLU B 192 16.30 -29.30 6.91
CA GLU B 192 17.46 -29.47 7.73
CA GLU B 192 17.43 -29.27 7.80
C GLU B 192 18.59 -28.65 7.13
C GLU B 192 18.61 -28.59 7.13
N LYS B 193 18.79 -28.79 5.82
CA LYS B 193 19.91 -28.16 5.13
C LYS B 193 19.80 -26.64 5.10
N ILE B 194 18.60 -26.11 4.85
CA ILE B 194 18.48 -24.65 4.86
C ILE B 194 18.48 -24.07 6.28
N HIS B 195 18.06 -24.84 7.29
CA HIS B 195 18.26 -24.41 8.69
C HIS B 195 19.77 -24.21 8.94
N ARG B 196 20.57 -25.19 8.55
CA ARG B 196 22.01 -25.09 8.70
C ARG B 196 22.61 -23.88 7.96
N LEU B 197 22.21 -23.68 6.71
CA LEU B 197 22.67 -22.51 5.97
C LEU B 197 22.29 -21.22 6.64
N SER B 198 21.04 -21.15 7.13
CA SER B 198 20.59 -19.91 7.77
C SER B 198 21.39 -19.58 9.03
N SER B 199 21.89 -20.60 9.73
N SER B 199 21.89 -20.58 9.75
CA SER B 199 22.67 -20.38 10.95
CA SER B 199 22.67 -20.31 10.95
C SER B 199 24.00 -19.69 10.68
C SER B 199 23.94 -19.55 10.64
N MSE B 200 24.47 -19.75 9.43
CA MSE B 200 25.67 -19.01 9.05
C MSE B 200 25.37 -17.63 8.52
O MSE B 200 26.25 -16.75 8.57
CB MSE B 200 26.48 -19.78 8.02
CG MSE B 200 26.99 -21.13 8.50
SE MSE B 200 28.24 -21.90 7.20
CE MSE B 200 26.98 -22.57 5.89
N LEU B 201 24.15 -17.38 8.04
CA LEU B 201 23.78 -16.10 7.41
C LEU B 201 23.20 -15.11 8.38
N GLY B 202 22.38 -15.61 9.32
CA GLY B 202 21.62 -14.77 10.24
C GLY B 202 22.41 -14.40 11.48
N VAL B 203 21.99 -13.31 12.11
CA VAL B 203 22.41 -13.05 13.51
C VAL B 203 21.64 -13.97 14.47
N PRO B 204 22.30 -14.41 15.54
CA PRO B 204 21.68 -15.17 16.63
C PRO B 204 20.45 -14.48 17.21
N ALA B 205 19.36 -15.23 17.41
CA ALA B 205 18.15 -14.73 18.08
C ALA B 205 17.39 -15.89 18.74
N GLN B 206 16.64 -15.56 19.80
CA GLN B 206 15.88 -16.58 20.53
C GLN B 206 14.66 -17.11 19.77
N GLU B 207 13.86 -16.22 19.18
CA GLU B 207 12.67 -16.68 18.49
C GLU B 207 12.85 -16.66 16.96
N THR B 208 11.97 -17.41 16.29
CA THR B 208 11.94 -17.47 14.84
C THR B 208 11.49 -16.12 14.35
N ALA B 209 12.15 -15.65 13.30
CA ALA B 209 11.84 -14.36 12.66
C ALA B 209 10.47 -14.43 11.99
N PRO B 210 9.56 -13.50 12.34
CA PRO B 210 8.23 -13.51 11.69
C PRO B 210 8.25 -13.03 10.25
N ALA B 211 7.28 -13.49 9.47
CA ALA B 211 7.15 -12.97 8.10
C ALA B 211 6.78 -11.47 8.16
N LYS B 212 7.12 -10.77 7.09
CA LYS B 212 6.79 -9.35 6.99
C LYS B 212 5.31 -9.04 7.19
N LEU B 213 4.47 -9.81 6.50
CA LEU B 213 3.03 -9.61 6.57
C LEU B 213 2.52 -9.75 8.00
N ILE B 214 3.05 -10.71 8.76
CA ILE B 214 2.61 -10.91 10.12
C ILE B 214 2.97 -9.68 10.97
N VAL B 215 4.16 -9.13 10.80
CA VAL B 215 4.51 -7.88 11.51
C VAL B 215 3.59 -6.74 11.07
N TYR B 216 3.36 -6.62 9.75
CA TYR B 216 2.40 -5.64 9.26
C TYR B 216 1.04 -5.78 9.96
N LEU B 217 0.50 -7.00 10.02
CA LEU B 217 -0.86 -7.20 10.56
C LEU B 217 -0.92 -6.87 12.01
N GLN B 218 0.12 -7.23 12.74
CA GLN B 218 0.18 -6.93 14.17
C GLN B 218 0.09 -5.43 14.38
N ARG B 219 0.80 -4.68 13.53
CA ARG B 219 0.81 -3.20 13.60
C ARG B 219 -0.50 -2.57 13.11
N PHE B 220 -0.95 -2.99 11.94
CA PHE B 220 -1.97 -2.19 11.24
C PHE B 220 -3.37 -2.81 11.26
N ARG B 221 -3.44 -4.10 11.53
CA ARG B 221 -4.73 -4.77 11.66
C ARG B 221 -4.72 -5.64 12.90
N PRO B 222 -4.42 -5.05 14.07
CA PRO B 222 -4.25 -5.88 15.26
C PRO B 222 -5.44 -6.82 15.54
N GLN B 223 -6.67 -6.38 15.26
CA GLN B 223 -7.84 -7.22 15.53
C GLN B 223 -7.91 -8.40 14.58
N ASP B 224 -7.50 -8.19 13.33
CA ASP B 224 -7.38 -9.28 12.34
C ASP B 224 -6.27 -10.26 12.69
N TYR B 225 -5.14 -9.74 13.16
CA TYR B 225 -4.01 -10.57 13.57
C TYR B 225 -4.43 -11.56 14.66
N GLN B 226 -5.26 -11.10 15.58
CA GLN B 226 -5.75 -11.97 16.64
C GLN B 226 -6.69 -13.06 16.10
N ARG B 227 -6.39 -14.32 16.43
CA ARG B 227 -7.20 -15.47 16.00
C ARG B 227 -7.36 -16.54 17.09
S SO4 C . -3.50 15.82 2.56
O1 SO4 C . -4.79 16.22 3.11
O2 SO4 C . -3.28 16.54 1.30
O3 SO4 C . -2.47 16.10 3.55
O4 SO4 C . -3.50 14.38 2.31
CL CL D . -10.95 21.74 18.37
CL CL E . -3.13 13.71 -4.11
C1 CIT F . -8.27 15.53 -3.97
O1 CIT F . -7.75 16.55 -3.50
O2 CIT F . -8.73 15.59 -5.13
C2 CIT F . -8.35 14.24 -3.22
C3 CIT F . -7.37 14.20 -2.05
O7 CIT F . -7.59 15.36 -1.21
C4 CIT F . -7.63 12.92 -1.26
C5 CIT F . -6.82 12.89 0.02
O3 CIT F . -7.33 12.35 1.02
O4 CIT F . -5.65 13.42 0.07
C6 CIT F . -5.94 14.28 -2.52
O5 CIT F . -5.24 15.30 -2.25
O6 CIT F . -5.49 13.33 -3.19
NA NA G . 6.17 -14.60 2.77
C1 CIT H . 5.47 -17.78 4.05
O1 CIT H . 6.16 -18.35 3.14
O2 CIT H . 5.99 -17.53 5.17
C2 CIT H . 4.09 -17.41 3.63
C3 CIT H . 4.11 -15.95 3.20
O7 CIT H . 5.16 -15.68 2.22
C4 CIT H . 2.71 -15.68 2.68
C5 CIT H . 2.69 -14.42 1.95
O3 CIT H . 3.08 -13.40 2.61
O4 CIT H . 2.29 -14.41 0.74
C6 CIT H . 4.57 -15.01 4.31
O5 CIT H . 5.67 -14.39 4.15
O6 CIT H . 3.87 -14.92 5.36
C1 CIT I . 8.66 -12.97 4.31
O1 CIT I . 8.04 -11.90 4.32
O2 CIT I . 8.73 -13.69 5.31
C2 CIT I . 9.32 -13.44 3.05
C3 CIT I . 8.36 -14.02 2.00
O7 CIT I . 7.59 -15.07 2.63
C4 CIT I . 9.14 -14.54 0.77
C5 CIT I . 8.33 -14.42 -0.51
O3 CIT I . 8.69 -13.65 -1.48
O4 CIT I . 7.24 -15.02 -0.60
C6 CIT I . 7.27 -13.02 1.62
O5 CIT I . 6.06 -13.33 1.92
O6 CIT I . 7.51 -11.97 1.03
C1 GOL J . 9.64 1.75 -6.51
O1 GOL J . 10.11 2.15 -7.78
C2 GOL J . 8.49 0.78 -6.66
O2 GOL J . 7.92 0.75 -7.93
C3 GOL J . 7.53 0.80 -5.47
O3 GOL J . 6.17 0.54 -5.76
C1 GOL K . 9.30 -8.53 -7.44
O1 GOL K . 8.19 -8.73 -8.24
C2 GOL K . 10.02 -9.86 -7.36
O2 GOL K . 10.94 -9.83 -8.42
C3 GOL K . 10.79 -9.89 -6.06
O3 GOL K . 11.52 -11.09 -6.01
C1 GOL L . 17.51 -16.46 13.87
O1 GOL L . 16.42 -15.71 13.39
C2 GOL L . 18.47 -16.57 12.70
O2 GOL L . 19.01 -15.30 12.40
C3 GOL L . 19.59 -17.52 13.04
O3 GOL L . 20.29 -17.72 11.84
C1 GOL M . -0.17 -16.81 11.49
O1 GOL M . 0.49 -17.17 10.29
C2 GOL M . 0.66 -17.04 12.75
O2 GOL M . 0.81 -15.84 13.50
C3 GOL M . 2.04 -17.58 12.42
O3 GOL M . 2.96 -16.52 12.24
C1 GOL N . 17.51 -4.76 2.00
O1 GOL N . 17.37 -5.67 3.07
C2 GOL N . 18.58 -5.25 1.03
O2 GOL N . 18.55 -4.43 -0.12
C3 GOL N . 19.97 -5.16 1.66
O3 GOL N . 20.57 -6.44 1.79
#